data_6ME5
#
_entry.id   6ME5
#
_cell.length_a   122.200
_cell.length_b   122.200
_cell.length_c   122.800
_cell.angle_alpha   90.00
_cell.angle_beta   90.00
_cell.angle_gamma   90.00
#
_symmetry.space_group_name_H-M   'P 4 21 2'
#
loop_
_entity.id
_entity.type
_entity.pdbx_description
1 polymer 'chimera protein of Melatonin receptor type 1A and GlgA glycogen synthase'
2 non-polymer ~{N}-[2-(7-methoxynaphthalen-1-yl)ethyl]ethanamide
3 non-polymer 'OLEIC ACID'
#
_entity_poly.entity_id   1
_entity_poly.type   'polypeptide(L)'
_entity_poly.pdbx_seq_one_letter_code
;GTSQPVLRGDGARPSWLASALACVLIFTIVVDILGNLLVILSVYRNKKLRNAGNIFVVSLAVANLVVAIYPYPLVLMSIF
NNGWNFGYLHCQVSAFLMGLSVIGSIWNITGIAIDRYLYICHSLKYDKLYSSKNSLCYVLLIWLLTLAAVLPNLRAGTLQ
YDPRIYSCTFAQSVSSAYTIAVVVFHFLVPMIIVIFCYLRIWILVLQVRGID(YCM)SFWNESYLTGSRDERKKSLLSKF
GMDEGVTFMFIGRFDRGQKGVDVLLKAIEILSSKKEFQEMRFIIIGKGDPELEGWARSLEEKHGNVKVITEMLSREFVRE
LYGSVDFVIIPSYFEPFGLVALEAMCLGAIPIASAVGGLRDIITNETGILVKAGDPGELANAILKALELSRSDLSKFREN
CKKRAMSFSKLKPQDFRNFVTMFVVFVLFAICFAPLNFIGLAVASDPASMVPRIPEWLFVASYYMAYFNSCLNPIIYGLL
DQNFRKEYRRIIVSLCTARVFFVDSSN
;
_entity_poly.pdbx_strand_id   A
#
# COMPACT_ATOMS: atom_id res chain seq x y z
N PRO A 14 0.30 -15.10 -41.68
CA PRO A 14 0.51 -15.54 -40.29
C PRO A 14 1.38 -16.79 -40.17
N SER A 15 2.08 -17.19 -41.27
CA SER A 15 2.94 -18.37 -41.32
C SER A 15 4.14 -18.23 -40.36
N TRP A 16 4.75 -17.03 -40.33
CA TRP A 16 5.87 -16.67 -39.48
C TRP A 16 5.40 -16.42 -38.04
N LEU A 17 4.15 -15.93 -37.87
CA LEU A 17 3.50 -15.64 -36.59
C LEU A 17 3.35 -16.91 -35.75
N ALA A 18 3.30 -18.08 -36.41
CA ALA A 18 3.22 -19.40 -35.77
C ALA A 18 4.57 -19.76 -35.14
N SER A 19 5.67 -19.55 -35.89
CA SER A 19 7.03 -19.83 -35.44
C SER A 19 7.48 -18.85 -34.36
N ALA A 20 7.04 -17.57 -34.46
CA ALA A 20 7.34 -16.51 -33.48
C ALA A 20 6.70 -16.82 -32.13
N LEU A 21 5.46 -17.35 -32.15
CA LEU A 21 4.67 -17.76 -30.99
C LEU A 21 5.34 -18.95 -30.29
N ALA A 22 5.97 -19.83 -31.07
CA ALA A 22 6.72 -20.99 -30.57
C ALA A 22 8.01 -20.56 -29.88
N CYS A 23 8.62 -19.44 -30.32
CA CYS A 23 9.85 -18.87 -29.75
C CYS A 23 9.59 -18.29 -28.36
N VAL A 24 8.49 -17.52 -28.21
CA VAL A 24 8.08 -16.88 -26.95
C VAL A 24 7.96 -17.95 -25.85
N LEU A 25 7.27 -19.08 -26.16
CA LEU A 25 7.11 -20.20 -25.23
C LEU A 25 8.44 -20.90 -24.97
N ILE A 26 9.28 -21.11 -26.02
CA ILE A 26 10.60 -21.74 -25.90
C ILE A 26 11.46 -20.93 -24.90
N PHE A 27 11.44 -19.58 -25.01
CA PHE A 27 12.14 -18.68 -24.12
C PHE A 27 11.60 -18.82 -22.70
N THR A 28 10.26 -18.73 -22.56
CA THR A 28 9.52 -18.82 -21.30
C THR A 28 9.85 -20.13 -20.57
N ILE A 29 9.74 -21.30 -21.26
CA ILE A 29 10.01 -22.63 -20.71
C ILE A 29 11.46 -22.69 -20.17
N VAL A 30 12.45 -22.24 -20.98
CA VAL A 30 13.87 -22.25 -20.62
C VAL A 30 14.14 -21.35 -19.40
N VAL A 31 13.77 -20.06 -19.48
CA VAL A 31 13.97 -19.05 -18.41
C VAL A 31 13.22 -19.44 -17.12
N ASP A 32 12.00 -20.03 -17.24
CA ASP A 32 11.20 -20.44 -16.08
C ASP A 32 11.89 -21.56 -15.31
N ILE A 33 12.21 -22.68 -15.99
CA ILE A 33 12.83 -23.87 -15.41
C ILE A 33 14.18 -23.54 -14.75
N LEU A 34 15.04 -22.79 -15.46
CA LEU A 34 16.36 -22.40 -14.93
C LEU A 34 16.21 -21.33 -13.83
N GLY A 35 15.59 -20.21 -14.19
CA GLY A 35 15.37 -19.04 -13.33
C GLY A 35 14.65 -19.28 -12.02
N ASN A 36 13.47 -19.92 -12.05
CA ASN A 36 12.70 -20.18 -10.82
C ASN A 36 13.36 -21.25 -9.94
N LEU A 37 14.21 -22.11 -10.53
CA LEU A 37 14.97 -23.10 -9.78
C LEU A 37 16.07 -22.38 -8.98
N LEU A 38 16.67 -21.31 -9.59
CA LEU A 38 17.68 -20.44 -8.98
C LEU A 38 17.11 -19.71 -7.76
N VAL A 39 15.86 -19.20 -7.87
CA VAL A 39 15.15 -18.48 -6.81
C VAL A 39 14.98 -19.39 -5.59
N ILE A 40 14.56 -20.67 -5.80
CA ILE A 40 14.36 -21.66 -4.72
C ILE A 40 15.70 -21.93 -4.00
N LEU A 41 16.78 -22.10 -4.78
CA LEU A 41 18.12 -22.35 -4.25
C LEU A 41 18.67 -21.14 -3.48
N SER A 42 18.58 -19.92 -4.09
CA SER A 42 19.07 -18.65 -3.55
C SER A 42 18.50 -18.32 -2.16
N VAL A 43 17.21 -18.59 -1.93
CA VAL A 43 16.54 -18.32 -0.64
C VAL A 43 17.11 -19.28 0.44
N TYR A 44 17.36 -20.54 0.06
CA TYR A 44 17.90 -21.55 0.98
C TYR A 44 19.41 -21.33 1.23
N ARG A 45 20.17 -20.91 0.18
CA ARG A 45 21.61 -20.70 0.23
C ARG A 45 22.01 -19.42 1.00
N ASN A 46 21.36 -18.27 0.70
CA ASN A 46 21.66 -16.99 1.37
C ASN A 46 20.95 -16.86 2.71
N LYS A 47 21.71 -16.41 3.74
CA LYS A 47 21.21 -16.17 5.10
C LYS A 47 20.39 -14.87 5.14
N LYS A 48 20.75 -13.91 4.26
CA LYS A 48 20.07 -12.62 4.12
C LYS A 48 18.69 -12.79 3.49
N LEU A 49 18.53 -13.79 2.58
CA LEU A 49 17.27 -14.09 1.89
C LEU A 49 16.50 -15.25 2.56
N ARG A 50 17.06 -15.86 3.64
CA ARG A 50 16.48 -17.00 4.36
C ARG A 50 15.38 -16.61 5.38
N ASN A 51 14.80 -15.39 5.28
CA ASN A 51 13.75 -14.94 6.20
C ASN A 51 12.40 -15.64 5.92
N ALA A 52 11.54 -15.74 6.96
CA ALA A 52 10.22 -16.38 6.91
C ALA A 52 9.23 -15.67 5.98
N GLY A 53 9.35 -14.35 5.84
CA GLY A 53 8.50 -13.54 4.96
C GLY A 53 8.69 -13.85 3.48
N ASN A 54 9.78 -14.56 3.14
CA ASN A 54 10.12 -14.95 1.77
C ASN A 54 9.71 -16.40 1.44
N ILE A 55 8.81 -17.00 2.26
CA ILE A 55 8.26 -18.33 2.01
C ILE A 55 7.28 -18.19 0.83
N PHE A 56 6.56 -17.05 0.78
CA PHE A 56 5.61 -16.71 -0.29
C PHE A 56 6.31 -16.59 -1.65
N VAL A 57 7.58 -16.11 -1.65
CA VAL A 57 8.41 -15.95 -2.86
C VAL A 57 8.71 -17.34 -3.44
N VAL A 58 8.99 -18.31 -2.55
CA VAL A 58 9.27 -19.72 -2.89
C VAL A 58 7.98 -20.34 -3.46
N SER A 59 6.82 -20.09 -2.79
CA SER A 59 5.49 -20.57 -3.19
C SER A 59 5.09 -20.02 -4.57
N LEU A 60 5.37 -18.73 -4.83
CA LEU A 60 5.08 -18.05 -6.10
C LEU A 60 5.98 -18.62 -7.24
N ALA A 61 7.25 -18.95 -6.94
CA ALA A 61 8.21 -19.50 -7.89
C ALA A 61 7.83 -20.94 -8.28
N VAL A 62 7.26 -21.72 -7.33
CA VAL A 62 6.79 -23.09 -7.56
C VAL A 62 5.60 -23.03 -8.53
N ALA A 63 4.63 -22.10 -8.26
CA ALA A 63 3.45 -21.85 -9.10
C ALA A 63 3.87 -21.58 -10.54
N ASN A 64 4.96 -20.79 -10.72
CA ASN A 64 5.55 -20.45 -12.02
C ASN A 64 6.18 -21.69 -12.69
N LEU A 65 6.84 -22.55 -11.90
CA LEU A 65 7.52 -23.74 -12.42
C LEU A 65 6.55 -24.81 -12.96
N VAL A 66 5.38 -24.99 -12.30
CA VAL A 66 4.35 -26.00 -12.61
C VAL A 66 3.96 -25.98 -14.12
N VAL A 67 3.65 -24.78 -14.68
CA VAL A 67 3.22 -24.63 -16.08
C VAL A 67 4.33 -24.97 -17.12
N ALA A 68 5.62 -24.75 -16.80
CA ALA A 68 6.72 -25.01 -17.73
C ALA A 68 7.14 -26.50 -17.81
N ILE A 69 6.67 -27.33 -16.85
CA ILE A 69 6.99 -28.75 -16.74
C ILE A 69 6.05 -29.65 -17.59
N TYR A 70 4.73 -29.38 -17.58
CA TYR A 70 3.77 -30.23 -18.30
C TYR A 70 2.81 -29.40 -19.21
N PRO A 71 2.08 -28.33 -18.75
CA PRO A 71 1.17 -27.63 -19.68
C PRO A 71 1.85 -26.96 -20.88
N TYR A 72 2.77 -25.99 -20.67
CA TYR A 72 3.47 -25.27 -21.76
C TYR A 72 4.13 -26.22 -22.79
N PRO A 73 4.85 -27.31 -22.41
CA PRO A 73 5.44 -28.19 -23.44
C PRO A 73 4.43 -28.74 -24.45
N LEU A 74 3.21 -29.12 -23.98
CA LEU A 74 2.14 -29.65 -24.83
C LEU A 74 1.60 -28.57 -25.79
N VAL A 75 1.50 -27.31 -25.32
CA VAL A 75 1.05 -26.14 -26.08
C VAL A 75 2.05 -25.86 -27.21
N LEU A 76 3.36 -26.05 -26.93
CA LEU A 76 4.46 -25.82 -27.87
C LEU A 76 4.38 -26.81 -29.05
N MET A 77 4.08 -28.09 -28.77
CA MET A 77 3.92 -29.13 -29.80
C MET A 77 2.68 -28.85 -30.65
N SER A 78 1.56 -28.50 -29.98
CA SER A 78 0.26 -28.18 -30.57
C SER A 78 0.33 -26.96 -31.51
N ILE A 79 1.40 -26.14 -31.43
CA ILE A 79 1.61 -25.01 -32.35
C ILE A 79 2.05 -25.61 -33.69
N PHE A 80 3.06 -26.51 -33.64
CA PHE A 80 3.62 -27.21 -34.77
C PHE A 80 2.60 -28.20 -35.38
N ASN A 81 1.87 -28.94 -34.52
CA ASN A 81 0.84 -29.90 -34.93
C ASN A 81 -0.41 -29.19 -35.48
N ASN A 82 -0.59 -27.90 -35.13
CA ASN A 82 -1.72 -27.01 -35.48
C ASN A 82 -3.08 -27.55 -34.94
N GLY A 83 -3.00 -28.48 -33.99
CA GLY A 83 -4.15 -29.10 -33.35
C GLY A 83 -3.81 -29.91 -32.12
N TRP A 84 -4.84 -30.42 -31.44
CA TRP A 84 -4.68 -31.23 -30.23
C TRP A 84 -4.58 -32.72 -30.61
N ASN A 85 -3.34 -33.23 -30.62
CA ASN A 85 -2.98 -34.61 -30.97
C ASN A 85 -2.93 -35.54 -29.73
N PHE A 86 -3.35 -35.00 -28.56
CA PHE A 86 -3.37 -35.72 -27.29
C PHE A 86 -4.82 -35.99 -26.87
N GLY A 87 -5.02 -36.68 -25.75
CA GLY A 87 -6.36 -37.03 -25.27
C GLY A 87 -7.17 -35.91 -24.67
N TYR A 88 -8.34 -36.24 -24.11
CA TYR A 88 -9.19 -35.27 -23.44
C TYR A 88 -8.66 -35.05 -22.01
N LEU A 89 -8.08 -36.11 -21.38
CA LEU A 89 -7.49 -36.04 -20.03
C LEU A 89 -6.26 -35.15 -20.05
N HIS A 90 -5.46 -35.26 -21.13
CA HIS A 90 -4.26 -34.45 -21.37
C HIS A 90 -4.63 -32.98 -21.60
N CYS A 91 -5.91 -32.72 -21.98
CA CYS A 91 -6.45 -31.38 -22.19
C CYS A 91 -7.03 -30.85 -20.89
N GLN A 92 -7.79 -31.70 -20.16
CA GLN A 92 -8.43 -31.37 -18.90
C GLN A 92 -7.40 -31.13 -17.78
N VAL A 93 -6.35 -31.96 -17.70
CA VAL A 93 -5.29 -31.86 -16.67
C VAL A 93 -4.37 -30.66 -16.98
N SER A 94 -3.96 -30.48 -18.26
CA SER A 94 -3.10 -29.35 -18.63
C SER A 94 -3.79 -28.01 -18.35
N ALA A 95 -5.12 -27.92 -18.60
CA ALA A 95 -5.92 -26.71 -18.32
C ALA A 95 -6.05 -26.48 -16.80
N PHE A 96 -6.12 -27.58 -16.02
CA PHE A 96 -6.25 -27.58 -14.56
C PHE A 96 -4.97 -27.08 -13.88
N LEU A 97 -3.78 -27.55 -14.33
CA LEU A 97 -2.50 -27.13 -13.77
C LEU A 97 -2.20 -25.67 -14.14
N MET A 98 -2.73 -25.21 -15.29
CA MET A 98 -2.64 -23.83 -15.77
C MET A 98 -3.44 -22.91 -14.85
N GLY A 99 -4.54 -23.44 -14.31
CA GLY A 99 -5.41 -22.74 -13.38
C GLY A 99 -4.73 -22.53 -12.06
N LEU A 100 -4.31 -23.63 -11.39
CA LEU A 100 -3.60 -23.63 -10.11
C LEU A 100 -2.42 -22.67 -10.14
N SER A 101 -1.72 -22.58 -11.30
CA SER A 101 -0.59 -21.69 -11.52
C SER A 101 -1.04 -20.22 -11.53
N VAL A 102 -1.88 -19.81 -12.49
CA VAL A 102 -2.38 -18.44 -12.66
C VAL A 102 -3.10 -17.93 -11.40
N ILE A 103 -4.00 -18.75 -10.81
CA ILE A 103 -4.77 -18.39 -9.62
C ILE A 103 -3.84 -18.34 -8.39
N GLY A 104 -2.91 -19.29 -8.31
CA GLY A 104 -1.91 -19.37 -7.24
C GLY A 104 -0.97 -18.18 -7.21
N SER A 105 -0.55 -17.73 -8.41
CA SER A 105 0.38 -16.61 -8.61
C SER A 105 -0.18 -15.29 -8.09
N ILE A 106 -1.46 -14.98 -8.39
CA ILE A 106 -2.07 -13.72 -7.97
C ILE A 106 -2.32 -13.73 -6.43
N TRP A 107 -2.73 -14.87 -5.85
CA TRP A 107 -2.97 -14.92 -4.40
C TRP A 107 -1.66 -14.89 -3.59
N ASN A 108 -0.56 -15.43 -4.15
CA ASN A 108 0.75 -15.41 -3.51
C ASN A 108 1.29 -13.99 -3.48
N ILE A 109 1.06 -13.23 -4.59
CA ILE A 109 1.44 -11.83 -4.71
C ILE A 109 0.62 -10.99 -3.69
N THR A 110 -0.65 -11.39 -3.43
CA THR A 110 -1.55 -10.76 -2.45
C THR A 110 -0.96 -10.97 -1.04
N GLY A 111 -0.44 -12.18 -0.78
CA GLY A 111 0.18 -12.55 0.50
C GLY A 111 1.37 -11.68 0.85
N ILE A 112 2.31 -11.51 -0.11
CA ILE A 112 3.52 -10.68 0.02
C ILE A 112 3.11 -9.22 0.28
N ALA A 113 2.12 -8.70 -0.48
CA ALA A 113 1.61 -7.34 -0.33
C ALA A 113 1.05 -7.09 1.09
N ILE A 114 0.42 -8.11 1.71
CA ILE A 114 -0.13 -8.01 3.07
C ILE A 114 1.04 -8.15 4.07
N ASP A 115 1.96 -9.10 3.82
CA ASP A 115 3.13 -9.37 4.65
C ASP A 115 3.99 -8.11 4.82
N ARG A 116 4.36 -7.45 3.71
CA ARG A 116 5.20 -6.25 3.67
C ARG A 116 4.52 -5.02 4.30
N TYR A 117 3.18 -4.90 4.22
CA TYR A 117 2.45 -3.80 4.84
C TYR A 117 2.47 -3.97 6.37
N LEU A 118 2.30 -5.22 6.84
CA LEU A 118 2.33 -5.56 8.27
C LEU A 118 3.74 -5.39 8.86
N TYR A 119 4.78 -5.58 8.00
CA TYR A 119 6.19 -5.46 8.32
C TYR A 119 6.56 -4.03 8.72
N ILE A 120 6.10 -3.03 7.94
CA ILE A 120 6.37 -1.62 8.21
C ILE A 120 5.60 -1.18 9.47
N CYS A 121 4.37 -1.68 9.63
CA CYS A 121 3.53 -1.37 10.78
C CYS A 121 4.13 -1.96 12.08
N HIS A 122 4.70 -3.18 12.01
CA HIS A 122 5.32 -3.86 13.16
C HIS A 122 6.60 -3.15 13.60
N SER A 123 7.48 -2.77 12.64
CA SER A 123 8.75 -2.08 12.89
C SER A 123 8.53 -0.68 13.50
N LEU A 124 7.32 -0.10 13.29
CA LEU A 124 6.92 1.18 13.86
C LEU A 124 6.56 1.02 15.33
N LYS A 125 5.65 0.07 15.63
CA LYS A 125 5.14 -0.18 16.98
C LYS A 125 6.12 -0.94 17.88
N TYR A 126 7.03 -1.73 17.30
CA TYR A 126 7.95 -2.55 18.09
C TYR A 126 9.42 -2.36 17.69
N ASP A 127 10.34 -2.59 18.65
CA ASP A 127 11.78 -2.50 18.46
C ASP A 127 12.34 -3.76 17.78
N LYS A 128 11.64 -4.91 17.96
CA LYS A 128 12.00 -6.20 17.37
C LYS A 128 11.43 -6.31 15.95
N LEU A 129 12.12 -7.04 15.06
CA LEU A 129 11.72 -7.23 13.66
C LEU A 129 10.51 -8.18 13.53
N TYR A 130 9.71 -7.99 12.45
CA TYR A 130 8.52 -8.80 12.15
C TYR A 130 8.94 -10.22 11.78
N SER A 131 8.57 -11.19 12.63
CA SER A 131 8.93 -12.61 12.57
C SER A 131 8.32 -13.39 11.39
N SER A 132 7.04 -13.12 11.01
CA SER A 132 6.28 -13.83 9.95
C SER A 132 6.17 -15.33 10.34
N LYS A 133 5.81 -15.58 11.61
CA LYS A 133 5.72 -16.88 12.26
C LYS A 133 4.76 -17.88 11.60
N ASN A 134 3.62 -17.41 11.06
CA ASN A 134 2.60 -18.29 10.47
C ASN A 134 2.65 -18.35 8.91
N SER A 135 3.78 -17.94 8.30
CA SER A 135 3.99 -17.89 6.85
C SER A 135 3.70 -19.23 6.13
N LEU A 136 4.12 -20.37 6.71
CA LEU A 136 3.91 -21.69 6.13
C LEU A 136 2.43 -22.09 6.13
N CYS A 137 1.65 -21.60 7.12
CA CYS A 137 0.22 -21.89 7.25
C CYS A 137 -0.61 -21.11 6.23
N TYR A 138 -0.27 -19.84 5.97
CA TYR A 138 -0.99 -18.99 5.02
C TYR A 138 -0.77 -19.46 3.57
N VAL A 139 0.40 -20.06 3.27
CA VAL A 139 0.75 -20.61 1.95
C VAL A 139 -0.19 -21.80 1.66
N LEU A 140 -0.33 -22.73 2.64
CA LEU A 140 -1.21 -23.90 2.52
C LEU A 140 -2.67 -23.48 2.38
N LEU A 141 -3.06 -22.38 3.08
CA LEU A 141 -4.40 -21.81 3.03
C LEU A 141 -4.69 -21.25 1.63
N ILE A 142 -3.68 -20.61 0.98
CA ILE A 142 -3.76 -20.05 -0.37
C ILE A 142 -3.97 -21.19 -1.38
N TRP A 143 -3.19 -22.29 -1.26
CA TRP A 143 -3.29 -23.44 -2.16
C TRP A 143 -4.59 -24.23 -1.96
N LEU A 144 -5.20 -24.17 -0.76
CA LEU A 144 -6.49 -24.80 -0.50
C LEU A 144 -7.61 -23.95 -1.10
N LEU A 145 -7.39 -22.62 -1.20
CA LEU A 145 -8.30 -21.64 -1.80
C LEU A 145 -8.25 -21.71 -3.33
N THR A 146 -7.02 -21.76 -3.91
CA THR A 146 -6.81 -21.81 -5.37
C THR A 146 -7.36 -23.12 -5.95
N LEU A 147 -7.20 -24.24 -5.22
CA LEU A 147 -7.72 -25.55 -5.61
C LEU A 147 -9.26 -25.56 -5.57
N ALA A 148 -9.86 -24.86 -4.59
CA ALA A 148 -11.31 -24.73 -4.42
C ALA A 148 -11.99 -23.89 -5.53
N ALA A 149 -11.21 -23.09 -6.26
CA ALA A 149 -11.71 -22.23 -7.34
C ALA A 149 -11.50 -22.84 -8.73
N VAL A 150 -10.40 -23.60 -8.90
CA VAL A 150 -10.04 -24.23 -10.18
C VAL A 150 -10.78 -25.59 -10.33
N LEU A 151 -10.87 -26.41 -9.26
CA LEU A 151 -11.53 -27.72 -9.24
C LEU A 151 -12.96 -27.75 -9.86
N PRO A 152 -13.90 -26.79 -9.58
CA PRO A 152 -15.23 -26.88 -10.19
C PRO A 152 -15.29 -26.70 -11.72
N ASN A 153 -14.17 -26.31 -12.37
CA ASN A 153 -14.09 -26.10 -13.81
C ASN A 153 -14.01 -27.42 -14.59
N LEU A 154 -13.76 -28.54 -13.88
CA LEU A 154 -13.68 -29.87 -14.50
C LEU A 154 -15.09 -30.44 -14.72
N ARG A 155 -15.95 -30.37 -13.67
CA ARG A 155 -17.34 -30.86 -13.66
C ARG A 155 -18.26 -29.99 -14.52
N ALA A 156 -18.06 -28.65 -14.50
CA ALA A 156 -18.85 -27.70 -15.28
C ALA A 156 -18.56 -27.83 -16.78
N GLY A 157 -17.34 -28.27 -17.10
CA GLY A 157 -16.88 -28.45 -18.47
C GLY A 157 -16.61 -27.16 -19.18
N THR A 158 -15.94 -26.22 -18.48
CA THR A 158 -15.60 -24.91 -19.04
C THR A 158 -14.15 -24.93 -19.59
N LEU A 159 -13.43 -26.07 -19.43
CA LEU A 159 -12.09 -26.22 -19.96
C LEU A 159 -12.16 -26.93 -21.30
N GLN A 160 -11.63 -26.30 -22.36
CA GLN A 160 -11.62 -26.84 -23.73
C GLN A 160 -10.52 -26.18 -24.59
N TYR A 161 -10.07 -26.87 -25.64
CA TYR A 161 -9.03 -26.43 -26.57
C TYR A 161 -9.52 -25.25 -27.43
N ASP A 162 -8.62 -24.26 -27.66
CA ASP A 162 -8.87 -23.12 -28.54
C ASP A 162 -7.82 -23.16 -29.66
N PRO A 163 -8.25 -23.32 -30.93
CA PRO A 163 -7.29 -23.44 -32.03
C PRO A 163 -6.39 -22.22 -32.25
N ARG A 164 -6.91 -21.01 -32.00
CA ARG A 164 -6.19 -19.74 -32.21
C ARG A 164 -4.91 -19.62 -31.37
N ILE A 165 -4.96 -20.08 -30.12
CA ILE A 165 -3.85 -19.99 -29.17
C ILE A 165 -3.15 -21.35 -28.96
N TYR A 166 -3.55 -22.39 -29.75
CA TYR A 166 -3.02 -23.77 -29.77
C TYR A 166 -2.89 -24.36 -28.35
N SER A 167 -3.87 -24.09 -27.47
CA SER A 167 -3.81 -24.55 -26.08
C SER A 167 -5.15 -24.96 -25.49
N CYS A 168 -5.09 -25.75 -24.41
CA CYS A 168 -6.25 -26.18 -23.63
C CYS A 168 -6.34 -25.31 -22.39
N THR A 169 -7.27 -24.35 -22.45
CA THR A 169 -7.47 -23.33 -21.42
C THR A 169 -8.94 -23.29 -20.93
N PHE A 170 -9.23 -22.35 -20.03
CA PHE A 170 -10.55 -22.05 -19.51
C PHE A 170 -11.24 -21.19 -20.56
N ALA A 171 -12.32 -21.70 -21.15
CA ALA A 171 -13.05 -20.94 -22.17
C ALA A 171 -13.98 -19.93 -21.50
N GLN A 172 -13.81 -18.65 -21.88
CA GLN A 172 -14.60 -17.53 -21.35
C GLN A 172 -16.00 -17.49 -21.94
N SER A 173 -16.22 -18.16 -23.08
CA SER A 173 -17.50 -18.18 -23.78
C SER A 173 -18.42 -19.34 -23.36
N VAL A 174 -17.92 -20.31 -22.56
CA VAL A 174 -18.72 -21.46 -22.10
C VAL A 174 -19.79 -20.96 -21.10
N SER A 175 -19.36 -20.37 -19.96
CA SER A 175 -20.29 -19.83 -18.98
C SER A 175 -19.83 -18.46 -18.52
N SER A 176 -20.64 -17.42 -18.84
CA SER A 176 -20.37 -16.02 -18.51
C SER A 176 -20.38 -15.77 -16.99
N ALA A 177 -21.21 -16.52 -16.25
CA ALA A 177 -21.30 -16.42 -14.79
C ALA A 177 -19.97 -16.85 -14.14
N TYR A 178 -19.34 -17.91 -14.69
CA TYR A 178 -18.06 -18.44 -14.22
C TYR A 178 -16.90 -17.48 -14.52
N THR A 179 -16.96 -16.76 -15.65
CA THR A 179 -15.90 -15.82 -16.05
C THR A 179 -15.95 -14.53 -15.24
N ILE A 180 -17.16 -13.93 -15.04
CA ILE A 180 -17.35 -12.70 -14.27
C ILE A 180 -16.85 -12.95 -12.83
N ALA A 181 -17.18 -14.12 -12.25
CA ALA A 181 -16.73 -14.52 -10.92
C ALA A 181 -15.20 -14.71 -10.89
N VAL A 182 -14.62 -15.24 -11.98
CA VAL A 182 -13.16 -15.44 -12.12
C VAL A 182 -12.44 -14.08 -12.25
N VAL A 183 -13.07 -13.08 -12.91
CA VAL A 183 -12.49 -11.74 -13.10
C VAL A 183 -12.63 -10.93 -11.80
N VAL A 184 -13.82 -10.94 -11.16
CA VAL A 184 -14.07 -10.19 -9.94
C VAL A 184 -13.28 -10.80 -8.78
N PHE A 185 -13.62 -12.04 -8.36
CA PHE A 185 -13.06 -12.74 -7.21
C PHE A 185 -11.58 -13.14 -7.34
N HIS A 186 -11.02 -13.26 -8.56
CA HIS A 186 -9.62 -13.71 -8.67
C HIS A 186 -8.72 -12.74 -9.46
N PHE A 187 -9.16 -11.51 -9.73
CA PHE A 187 -8.34 -10.49 -10.37
C PHE A 187 -8.64 -9.13 -9.76
N LEU A 188 -9.90 -8.65 -9.86
CA LEU A 188 -10.33 -7.36 -9.32
C LEU A 188 -10.21 -7.30 -7.78
N VAL A 189 -10.58 -8.40 -7.09
CA VAL A 189 -10.50 -8.52 -5.63
C VAL A 189 -9.00 -8.48 -5.22
N PRO A 190 -8.08 -9.37 -5.70
CA PRO A 190 -6.66 -9.24 -5.31
C PRO A 190 -6.05 -7.88 -5.68
N MET A 191 -6.35 -7.35 -6.90
CA MET A 191 -5.83 -6.06 -7.40
C MET A 191 -6.07 -4.93 -6.41
N ILE A 192 -7.33 -4.77 -5.93
CA ILE A 192 -7.74 -3.75 -4.95
C ILE A 192 -6.94 -3.93 -3.64
N ILE A 193 -6.90 -5.16 -3.08
CA ILE A 193 -6.17 -5.46 -1.84
C ILE A 193 -4.70 -5.00 -1.97
N VAL A 194 -4.02 -5.42 -3.06
CA VAL A 194 -2.61 -5.15 -3.32
C VAL A 194 -2.36 -3.65 -3.59
N ILE A 195 -3.19 -2.99 -4.44
CA ILE A 195 -3.03 -1.55 -4.74
C ILE A 195 -3.15 -0.73 -3.44
N PHE A 196 -4.09 -1.09 -2.56
CA PHE A 196 -4.27 -0.42 -1.27
C PHE A 196 -3.05 -0.64 -0.36
N CYS A 197 -2.52 -1.88 -0.30
CA CYS A 197 -1.36 -2.26 0.52
C CYS A 197 -0.13 -1.44 0.16
N TYR A 198 0.27 -1.43 -1.13
CA TYR A 198 1.45 -0.68 -1.59
C TYR A 198 1.20 0.83 -1.60
N LEU A 199 -0.07 1.27 -1.46
CA LEU A 199 -0.39 2.68 -1.36
C LEU A 199 -0.07 3.15 0.05
N ARG A 200 -0.51 2.38 1.06
CA ARG A 200 -0.27 2.65 2.48
C ARG A 200 1.21 2.53 2.85
N ILE A 201 1.97 1.65 2.13
CA ILE A 201 3.42 1.47 2.33
C ILE A 201 4.12 2.73 1.84
N TRP A 202 3.81 3.17 0.61
CA TRP A 202 4.39 4.35 -0.04
C TRP A 202 4.18 5.64 0.79
N ILE A 203 3.02 5.78 1.46
CA ILE A 203 2.73 6.94 2.32
C ILE A 203 3.64 6.89 3.55
N LEU A 204 3.68 5.74 4.25
CA LEU A 204 4.49 5.56 5.45
C LEU A 204 5.98 5.76 5.19
N VAL A 205 6.48 5.38 4.01
CA VAL A 205 7.88 5.56 3.62
C VAL A 205 8.14 7.08 3.37
N LEU A 206 7.15 7.81 2.83
CA LEU A 206 7.27 9.26 2.58
C LEU A 206 7.23 10.06 3.89
N GLN A 207 6.50 9.54 4.89
CA GLN A 207 6.38 10.15 6.22
C GLN A 207 7.72 10.02 6.94
N VAL A 208 8.38 8.85 6.79
CA VAL A 208 9.70 8.53 7.35
C VAL A 208 10.73 9.50 6.73
N ARG A 209 10.62 9.71 5.41
CA ARG A 209 11.46 10.60 4.61
C ARG A 209 11.28 12.07 5.04
N GLY A 210 10.03 12.52 5.09
CA GLY A 210 9.62 13.88 5.39
C GLY A 210 9.89 14.44 6.77
N ILE A 211 10.01 13.58 7.79
CA ILE A 211 10.25 14.05 9.16
C ILE A 211 11.73 14.45 9.35
N ASP A 212 11.98 15.47 10.20
CA ASP A 212 13.32 15.95 10.55
C ASP A 212 13.41 16.13 12.05
N SER A 214 16.12 16.53 13.75
CA SER A 214 17.20 17.45 14.05
C SER A 214 16.70 18.90 14.09
N PHE A 215 15.61 19.22 13.35
CA PHE A 215 15.00 20.56 13.39
C PHE A 215 13.87 20.57 14.42
N TRP A 216 12.83 19.73 14.20
CA TRP A 216 11.65 19.60 15.06
C TRP A 216 12.04 18.81 16.32
N ASN A 217 12.84 19.45 17.18
CA ASN A 217 13.36 18.89 18.43
C ASN A 217 13.09 19.82 19.59
N GLU A 218 12.70 19.26 20.75
CA GLU A 218 12.38 19.98 21.98
C GLU A 218 13.60 20.73 22.55
N SER A 219 14.82 20.21 22.30
CA SER A 219 16.11 20.76 22.74
C SER A 219 16.29 22.25 22.38
N TYR A 220 15.82 22.64 21.17
CA TYR A 220 15.89 24.00 20.64
C TYR A 220 15.13 25.02 21.51
N LEU A 221 14.18 24.54 22.34
CA LEU A 221 13.37 25.34 23.26
C LEU A 221 14.07 25.44 24.62
N THR A 222 13.91 26.60 25.30
CA THR A 222 14.58 26.90 26.56
C THR A 222 13.76 26.44 27.80
N GLY A 223 13.00 27.35 28.42
CA GLY A 223 12.22 27.11 29.63
C GLY A 223 11.14 26.05 29.55
N SER A 224 10.39 25.86 30.66
CA SER A 224 9.29 24.89 30.76
C SER A 224 8.13 25.24 29.80
N ARG A 225 7.29 24.24 29.45
CA ARG A 225 6.16 24.40 28.55
C ARG A 225 5.14 25.42 29.11
N ASP A 226 4.91 25.38 30.44
CA ASP A 226 4.00 26.28 31.14
C ASP A 226 4.48 27.73 31.04
N GLU A 227 5.80 27.95 31.19
CA GLU A 227 6.41 29.26 31.09
C GLU A 227 6.40 29.77 29.64
N ARG A 228 6.73 28.87 28.66
CA ARG A 228 6.78 29.21 27.23
C ARG A 228 5.37 29.50 26.66
N LYS A 229 4.31 28.86 27.21
CA LYS A 229 2.92 29.08 26.81
C LYS A 229 2.45 30.45 27.34
N LYS A 230 2.78 30.75 28.62
CA LYS A 230 2.46 32.01 29.30
C LYS A 230 3.14 33.19 28.60
N SER A 231 4.36 32.96 28.08
CA SER A 231 5.14 33.93 27.33
C SER A 231 4.50 34.20 25.95
N LEU A 232 4.09 33.13 25.24
CA LEU A 232 3.45 33.21 23.91
C LEU A 232 2.10 33.92 23.97
N LEU A 233 1.28 33.57 24.98
CA LEU A 233 -0.05 34.16 25.19
C LEU A 233 0.03 35.64 25.59
N SER A 234 1.04 36.01 26.40
CA SER A 234 1.28 37.40 26.83
C SER A 234 1.58 38.30 25.62
N LYS A 235 2.42 37.80 24.68
CA LYS A 235 2.78 38.50 23.45
C LYS A 235 1.57 38.67 22.50
N PHE A 236 0.54 37.79 22.63
CA PHE A 236 -0.67 37.85 21.82
C PHE A 236 -1.79 38.64 22.51
N GLY A 237 -1.54 39.08 23.75
CA GLY A 237 -2.47 39.89 24.52
C GLY A 237 -3.66 39.12 25.06
N MET A 238 -3.40 38.00 25.75
CA MET A 238 -4.41 37.15 26.40
C MET A 238 -3.76 36.34 27.53
N ASP A 239 -4.54 36.07 28.60
CA ASP A 239 -4.07 35.36 29.80
C ASP A 239 -3.95 33.84 29.58
N GLU A 240 -3.55 33.09 30.63
CA GLU A 240 -3.37 31.63 30.61
C GLU A 240 -4.70 30.90 30.36
N GLY A 241 -4.60 29.72 29.76
CA GLY A 241 -5.73 28.85 29.42
C GLY A 241 -5.31 27.73 28.49
N VAL A 242 -6.27 26.83 28.14
CA VAL A 242 -5.96 25.72 27.23
C VAL A 242 -5.87 26.32 25.82
N THR A 243 -4.64 26.44 25.31
CA THR A 243 -4.35 27.04 24.01
C THR A 243 -4.40 26.00 22.89
N PHE A 244 -5.21 26.32 21.88
CA PHE A 244 -5.43 25.55 20.66
C PHE A 244 -4.79 26.28 19.50
N MET A 245 -4.31 25.53 18.51
CA MET A 245 -3.62 26.13 17.38
C MET A 245 -4.10 25.53 16.06
N PHE A 246 -4.16 26.37 15.02
CA PHE A 246 -4.46 25.99 13.64
C PHE A 246 -3.40 26.59 12.74
N ILE A 247 -2.88 25.81 11.79
CA ILE A 247 -1.88 26.29 10.84
C ILE A 247 -2.15 25.61 9.49
N GLY A 248 -2.43 26.42 8.49
CA GLY A 248 -2.75 25.99 7.14
C GLY A 248 -3.54 27.03 6.38
N ARG A 249 -3.55 26.94 5.04
CA ARG A 249 -4.25 27.90 4.16
C ARG A 249 -5.77 27.86 4.34
N PHE A 250 -6.43 29.02 4.19
CA PHE A 250 -7.86 29.17 4.36
C PHE A 250 -8.61 28.79 3.08
N ASP A 251 -9.35 27.68 3.12
CA ASP A 251 -10.09 27.16 1.97
C ASP A 251 -11.40 26.49 2.40
N ARG A 252 -12.41 26.53 1.51
CA ARG A 252 -13.76 26.01 1.72
C ARG A 252 -13.85 24.48 1.84
N GLY A 253 -12.96 23.74 1.17
CA GLY A 253 -13.02 22.28 1.21
C GLY A 253 -11.73 21.50 1.07
N GLN A 254 -10.63 21.99 1.67
CA GLN A 254 -9.34 21.27 1.60
C GLN A 254 -8.74 21.07 3.00
N LYS A 255 -8.34 22.16 3.69
CA LYS A 255 -7.71 22.12 5.02
C LYS A 255 -8.73 22.37 6.16
N GLY A 256 -9.99 22.61 5.80
CA GLY A 256 -11.14 22.77 6.70
C GLY A 256 -11.11 23.83 7.77
N VAL A 257 -10.62 25.05 7.43
CA VAL A 257 -10.60 26.20 8.35
C VAL A 257 -12.06 26.63 8.66
N ASP A 258 -12.97 26.45 7.67
CA ASP A 258 -14.40 26.73 7.73
C ASP A 258 -15.10 25.89 8.83
N VAL A 259 -14.67 24.61 9.00
CA VAL A 259 -15.21 23.68 10.01
C VAL A 259 -14.82 24.19 11.40
N LEU A 260 -13.54 24.59 11.58
CA LEU A 260 -13.01 25.15 12.82
C LEU A 260 -13.74 26.45 13.20
N LEU A 261 -13.93 27.36 12.23
CA LEU A 261 -14.59 28.66 12.43
C LEU A 261 -16.06 28.49 12.90
N LYS A 262 -16.82 27.59 12.23
CA LYS A 262 -18.22 27.27 12.57
C LYS A 262 -18.30 26.68 13.98
N ALA A 263 -17.30 25.86 14.36
CA ALA A 263 -17.18 25.21 15.67
C ALA A 263 -16.87 26.21 16.81
N ILE A 264 -16.11 27.31 16.52
CA ILE A 264 -15.79 28.34 17.53
C ILE A 264 -17.08 29.06 17.95
N GLU A 265 -17.98 29.31 16.97
CA GLU A 265 -19.28 29.95 17.17
C GLU A 265 -20.18 29.10 18.08
N ILE A 266 -20.14 27.77 17.90
CA ILE A 266 -20.89 26.79 18.70
C ILE A 266 -20.39 26.83 20.15
N LEU A 267 -19.07 26.97 20.32
CA LEU A 267 -18.41 27.00 21.62
C LEU A 267 -18.46 28.37 22.32
N SER A 268 -18.63 29.48 21.56
CA SER A 268 -18.65 30.86 22.09
C SER A 268 -19.75 31.11 23.14
N SER A 269 -20.89 30.41 23.02
CA SER A 269 -22.04 30.51 23.92
C SER A 269 -21.82 29.72 25.24
N LYS A 270 -21.07 28.61 25.19
CA LYS A 270 -20.77 27.75 26.35
C LYS A 270 -19.87 28.46 27.38
N LYS A 271 -20.11 28.17 28.68
CA LYS A 271 -19.35 28.73 29.82
C LYS A 271 -17.90 28.20 29.83
N GLU A 272 -17.63 27.13 29.07
CA GLU A 272 -16.34 26.46 28.92
C GLU A 272 -15.36 27.26 28.03
N PHE A 273 -15.90 28.12 27.15
CA PHE A 273 -15.17 28.97 26.20
C PHE A 273 -14.23 29.98 26.87
N GLN A 274 -14.58 30.44 28.09
CA GLN A 274 -13.80 31.42 28.86
C GLN A 274 -12.43 30.85 29.25
N GLU A 275 -12.33 29.51 29.41
CA GLU A 275 -11.10 28.79 29.79
C GLU A 275 -10.29 28.35 28.55
N MET A 276 -10.75 28.76 27.34
CA MET A 276 -10.10 28.45 26.05
C MET A 276 -9.37 29.65 25.46
N ARG A 277 -8.35 29.37 24.62
CA ARG A 277 -7.53 30.33 23.86
C ARG A 277 -7.32 29.74 22.45
N PHE A 278 -7.50 30.55 21.41
CA PHE A 278 -7.37 30.08 20.02
C PHE A 278 -6.39 30.94 19.22
N ILE A 279 -5.40 30.28 18.57
CA ILE A 279 -4.38 30.93 17.74
C ILE A 279 -4.48 30.34 16.32
N ILE A 280 -5.23 31.03 15.43
CA ILE A 280 -5.45 30.62 14.03
C ILE A 280 -4.38 31.26 13.15
N ILE A 281 -3.69 30.44 12.31
CA ILE A 281 -2.62 30.90 11.43
C ILE A 281 -2.91 30.39 10.02
N GLY A 282 -2.80 31.28 9.04
CA GLY A 282 -3.02 30.99 7.62
C GLY A 282 -3.61 32.13 6.82
N LYS A 283 -3.76 31.92 5.50
CA LYS A 283 -4.32 32.87 4.55
C LYS A 283 -4.93 32.16 3.34
N GLY A 284 -5.99 32.72 2.80
CA GLY A 284 -6.70 32.15 1.64
C GLY A 284 -7.91 32.97 1.23
N ASP A 285 -9.08 32.30 1.12
CA ASP A 285 -10.36 32.92 0.76
C ASP A 285 -10.62 34.14 1.66
N PRO A 286 -10.73 35.35 1.06
CA PRO A 286 -10.92 36.58 1.88
C PRO A 286 -12.18 36.59 2.74
N GLU A 287 -13.24 35.85 2.32
CA GLU A 287 -14.51 35.70 3.05
C GLU A 287 -14.24 35.01 4.39
N LEU A 288 -13.40 33.94 4.36
CA LEU A 288 -12.99 33.19 5.54
C LEU A 288 -12.03 34.02 6.39
N GLU A 289 -11.18 34.83 5.72
CA GLU A 289 -10.20 35.75 6.35
C GLU A 289 -10.92 36.84 7.14
N GLY A 290 -12.11 37.21 6.68
CA GLY A 290 -12.98 38.20 7.32
C GLY A 290 -13.70 37.62 8.51
N TRP A 291 -14.24 36.39 8.34
CA TRP A 291 -14.95 35.60 9.36
C TRP A 291 -14.05 35.38 10.60
N ALA A 292 -12.77 35.04 10.35
CA ALA A 292 -11.76 34.84 11.38
C ALA A 292 -11.49 36.15 12.15
N ARG A 293 -11.25 37.26 11.42
CA ARG A 293 -11.00 38.60 11.98
C ARG A 293 -12.24 39.15 12.71
N SER A 294 -13.45 38.68 12.32
CA SER A 294 -14.73 39.05 12.93
C SER A 294 -14.85 38.49 14.34
N LEU A 295 -14.47 37.20 14.52
CA LEU A 295 -14.48 36.50 15.80
C LEU A 295 -13.35 37.01 16.69
N GLU A 296 -12.24 37.47 16.07
CA GLU A 296 -11.06 38.05 16.73
C GLU A 296 -11.48 39.34 17.47
N GLU A 297 -12.45 40.10 16.88
CA GLU A 297 -13.02 41.33 17.42
C GLU A 297 -14.03 41.01 18.54
N LYS A 298 -15.03 40.15 18.22
CA LYS A 298 -16.12 39.72 19.11
C LYS A 298 -15.61 39.00 20.36
N HIS A 299 -14.48 38.26 20.25
CA HIS A 299 -13.88 37.50 21.36
C HIS A 299 -12.38 37.78 21.45
N GLY A 300 -11.94 38.15 22.66
CA GLY A 300 -10.54 38.46 22.96
C GLY A 300 -9.65 37.27 23.23
N ASN A 301 -10.21 36.05 23.18
CA ASN A 301 -9.48 34.80 23.40
C ASN A 301 -9.12 34.14 22.05
N VAL A 302 -9.56 34.76 20.94
CA VAL A 302 -9.31 34.28 19.57
C VAL A 302 -8.36 35.28 18.87
N LYS A 303 -7.19 34.80 18.40
CA LYS A 303 -6.19 35.60 17.68
C LYS A 303 -5.94 35.02 16.29
N VAL A 304 -5.91 35.89 15.27
CA VAL A 304 -5.71 35.45 13.88
C VAL A 304 -4.39 36.04 13.35
N ILE A 305 -3.61 35.20 12.64
CA ILE A 305 -2.32 35.57 12.03
C ILE A 305 -2.41 35.21 10.54
N THR A 306 -2.62 36.24 9.71
CA THR A 306 -2.73 36.12 8.24
C THR A 306 -1.34 36.12 7.58
N GLU A 307 -0.32 36.65 8.30
CA GLU A 307 1.07 36.74 7.86
C GLU A 307 1.74 35.37 7.79
N MET A 308 2.88 35.29 7.08
CA MET A 308 3.67 34.06 6.93
C MET A 308 4.70 33.98 8.07
N LEU A 309 4.53 32.97 8.96
CA LEU A 309 5.40 32.75 10.11
C LEU A 309 6.56 31.81 9.77
N SER A 310 7.75 32.10 10.35
CA SER A 310 9.00 31.37 10.17
C SER A 310 8.91 29.94 10.73
N ARG A 311 9.63 28.97 10.10
CA ARG A 311 9.71 27.57 10.54
C ARG A 311 10.24 27.46 11.96
N GLU A 312 11.10 28.42 12.35
CA GLU A 312 11.71 28.55 13.67
C GLU A 312 10.66 28.96 14.71
N PHE A 313 9.74 29.88 14.34
CA PHE A 313 8.66 30.35 15.21
C PHE A 313 7.53 29.29 15.31
N VAL A 314 7.20 28.61 14.19
CA VAL A 314 6.17 27.55 14.15
C VAL A 314 6.60 26.43 15.12
N ARG A 315 7.92 26.11 15.15
CA ARG A 315 8.54 25.14 16.05
C ARG A 315 8.32 25.57 17.50
N GLU A 316 8.47 26.89 17.78
CA GLU A 316 8.25 27.43 19.12
C GLU A 316 6.75 27.36 19.50
N LEU A 317 5.85 27.57 18.50
CA LEU A 317 4.40 27.48 18.69
C LEU A 317 4.00 26.06 19.04
N TYR A 318 4.49 25.06 18.28
CA TYR A 318 4.25 23.62 18.50
C TYR A 318 4.64 23.22 19.92
N GLY A 319 5.77 23.74 20.39
CA GLY A 319 6.29 23.47 21.72
C GLY A 319 5.59 24.21 22.85
N SER A 320 4.81 25.26 22.54
CA SER A 320 4.13 26.06 23.56
C SER A 320 2.64 25.74 23.71
N VAL A 321 1.89 25.58 22.58
CA VAL A 321 0.44 25.29 22.60
C VAL A 321 0.12 23.91 23.19
N ASP A 322 -1.11 23.73 23.69
CA ASP A 322 -1.55 22.47 24.27
C ASP A 322 -2.04 21.52 23.19
N PHE A 323 -2.81 22.04 22.22
CA PHE A 323 -3.36 21.24 21.14
C PHE A 323 -3.12 21.88 19.78
N VAL A 324 -3.23 21.06 18.73
CA VAL A 324 -3.08 21.46 17.32
C VAL A 324 -4.26 20.83 16.59
N ILE A 325 -5.14 21.67 16.03
CA ILE A 325 -6.32 21.20 15.33
C ILE A 325 -6.01 21.10 13.84
N ILE A 326 -6.17 19.88 13.29
CA ILE A 326 -5.98 19.58 11.87
C ILE A 326 -7.37 19.15 11.35
N PRO A 327 -8.25 20.11 10.97
CA PRO A 327 -9.60 19.74 10.54
C PRO A 327 -9.71 19.52 9.01
N SER A 328 -8.59 19.10 8.39
CA SER A 328 -8.46 18.85 6.96
C SER A 328 -9.52 17.90 6.42
N TYR A 329 -10.04 18.21 5.22
CA TYR A 329 -11.04 17.40 4.52
C TYR A 329 -10.33 16.20 3.90
N PHE A 330 -9.25 16.47 3.14
CA PHE A 330 -8.40 15.48 2.49
C PHE A 330 -6.94 15.84 2.77
N GLU A 331 -6.28 15.01 3.58
CA GLU A 331 -4.87 15.15 3.94
C GLU A 331 -4.20 13.79 3.70
N PRO A 332 -3.38 13.66 2.63
CA PRO A 332 -2.80 12.35 2.33
C PRO A 332 -1.62 11.97 3.22
N PHE A 333 -0.72 12.93 3.49
CA PHE A 333 0.46 12.68 4.31
C PHE A 333 0.29 13.28 5.69
N GLY A 334 0.10 14.60 5.76
CA GLY A 334 -0.10 15.31 7.01
C GLY A 334 1.10 15.26 7.93
N LEU A 335 2.25 15.75 7.43
CA LEU A 335 3.50 15.83 8.18
C LEU A 335 3.36 16.79 9.37
N VAL A 336 2.49 17.82 9.23
CA VAL A 336 2.19 18.84 10.24
C VAL A 336 1.68 18.22 11.54
N ALA A 337 0.86 17.17 11.45
CA ALA A 337 0.35 16.46 12.63
C ALA A 337 1.51 15.77 13.37
N LEU A 338 2.42 15.14 12.60
CA LEU A 338 3.60 14.44 13.08
C LEU A 338 4.64 15.43 13.63
N GLU A 339 4.81 16.60 12.97
CA GLU A 339 5.73 17.68 13.36
C GLU A 339 5.32 18.29 14.70
N ALA A 340 4.00 18.40 14.93
CA ALA A 340 3.41 18.93 16.16
C ALA A 340 3.68 17.98 17.33
N MET A 341 3.60 16.66 17.07
CA MET A 341 3.83 15.61 18.06
C MET A 341 5.29 15.57 18.53
N CYS A 342 6.24 16.05 17.68
CA CYS A 342 7.68 16.15 17.95
C CYS A 342 7.98 17.04 19.16
N LEU A 343 7.15 18.08 19.32
CA LEU A 343 7.33 19.07 20.38
C LEU A 343 6.16 19.04 21.39
N GLY A 344 5.56 17.86 21.54
CA GLY A 344 4.49 17.59 22.51
C GLY A 344 3.13 18.23 22.29
N ALA A 345 2.80 18.60 21.04
CA ALA A 345 1.48 19.18 20.80
C ALA A 345 0.50 18.04 20.48
N ILE A 346 -0.47 17.80 21.39
CA ILE A 346 -1.48 16.74 21.25
C ILE A 346 -2.41 17.11 20.08
N PRO A 347 -2.44 16.33 18.98
CA PRO A 347 -3.27 16.72 17.85
C PRO A 347 -4.72 16.28 17.92
N ILE A 348 -5.62 17.13 17.41
CA ILE A 348 -7.04 16.86 17.26
C ILE A 348 -7.26 16.92 15.74
N ALA A 349 -7.30 15.76 15.10
CA ALA A 349 -7.37 15.73 13.65
C ALA A 349 -8.48 14.86 13.09
N SER A 350 -8.83 15.14 11.83
CA SER A 350 -9.84 14.43 11.06
C SER A 350 -9.36 13.02 10.72
N ALA A 351 -10.26 12.03 10.82
CA ALA A 351 -9.96 10.63 10.51
C ALA A 351 -9.88 10.45 8.97
N VAL A 352 -8.77 10.89 8.38
CA VAL A 352 -8.46 10.85 6.94
C VAL A 352 -7.20 9.96 6.72
N GLY A 353 -7.09 9.39 5.53
CA GLY A 353 -5.98 8.52 5.13
C GLY A 353 -4.63 9.20 5.21
N GLY A 354 -3.83 8.78 6.19
CA GLY A 354 -2.51 9.34 6.48
C GLY A 354 -2.50 9.79 7.92
N LEU A 355 -3.51 10.61 8.29
CA LEU A 355 -3.74 11.10 9.64
C LEU A 355 -4.24 9.97 10.53
N ARG A 356 -4.94 8.99 9.91
CA ARG A 356 -5.45 7.78 10.56
C ARG A 356 -4.26 6.88 10.96
N ASP A 357 -3.20 6.87 10.12
CA ASP A 357 -1.99 6.10 10.35
C ASP A 357 -1.14 6.73 11.46
N ILE A 358 -0.82 8.03 11.34
CA ILE A 358 0.01 8.78 12.29
C ILE A 358 -0.63 8.81 13.69
N ILE A 359 -1.85 9.36 13.81
CA ILE A 359 -2.52 9.50 15.10
C ILE A 359 -3.08 8.15 15.58
N THR A 360 -2.53 7.70 16.72
CA THR A 360 -2.96 6.49 17.44
C THR A 360 -4.07 6.96 18.39
N ASN A 361 -4.89 6.04 18.89
CA ASN A 361 -5.94 6.35 19.86
C ASN A 361 -5.32 6.75 21.23
N GLU A 362 -4.03 6.40 21.43
CA GLU A 362 -3.24 6.69 22.63
C GLU A 362 -2.61 8.09 22.60
N THR A 363 -2.23 8.56 21.39
CA THR A 363 -1.52 9.83 21.16
C THR A 363 -2.47 11.04 21.01
N GLY A 364 -3.39 11.03 20.05
CA GLY A 364 -4.30 12.15 19.81
C GLY A 364 -5.78 11.84 19.84
N ILE A 365 -6.62 12.87 19.55
CA ILE A 365 -8.08 12.76 19.50
C ILE A 365 -8.53 12.77 18.02
N LEU A 366 -9.27 11.74 17.60
CA LEU A 366 -9.77 11.64 16.23
C LEU A 366 -11.23 12.04 16.14
N VAL A 367 -11.57 12.80 15.09
CA VAL A 367 -12.92 13.31 14.81
C VAL A 367 -13.28 13.05 13.34
N LYS A 368 -14.59 13.03 13.03
CA LYS A 368 -15.09 12.86 11.67
C LYS A 368 -14.91 14.18 10.91
N ALA A 369 -14.34 14.11 9.69
CA ALA A 369 -14.08 15.27 8.83
C ALA A 369 -15.38 15.91 8.33
N GLY A 370 -15.44 17.24 8.40
CA GLY A 370 -16.57 18.04 7.95
C GLY A 370 -17.74 18.13 8.91
N ASP A 371 -17.50 18.05 10.22
CA ASP A 371 -18.54 18.15 11.25
C ASP A 371 -18.11 19.15 12.33
N PRO A 372 -18.70 20.39 12.35
CA PRO A 372 -18.29 21.38 13.37
C PRO A 372 -18.82 21.05 14.77
N GLY A 373 -19.88 20.26 14.82
CA GLY A 373 -20.51 19.83 16.06
C GLY A 373 -19.61 18.91 16.87
N GLU A 374 -19.14 17.83 16.23
CA GLU A 374 -18.27 16.82 16.84
C GLU A 374 -16.88 17.39 17.18
N LEU A 375 -16.36 18.32 16.34
CA LEU A 375 -15.08 18.99 16.57
C LEU A 375 -15.16 19.87 17.83
N ALA A 376 -16.32 20.55 18.02
CA ALA A 376 -16.57 21.39 19.19
C ALA A 376 -16.58 20.53 20.45
N ASN A 377 -17.17 19.31 20.36
CA ASN A 377 -17.23 18.35 21.46
C ASN A 377 -15.87 17.69 21.69
N ALA A 378 -15.05 17.56 20.62
CA ALA A 378 -13.69 17.03 20.70
C ALA A 378 -12.78 18.04 21.40
N ILE A 379 -12.96 19.35 21.08
CA ILE A 379 -12.24 20.47 21.70
C ILE A 379 -12.70 20.56 23.17
N LEU A 380 -13.96 20.20 23.46
CA LEU A 380 -14.50 20.15 24.82
C LEU A 380 -13.85 19.00 25.61
N LYS A 381 -13.70 17.81 24.97
CA LYS A 381 -13.06 16.63 25.56
C LYS A 381 -11.59 16.92 25.87
N ALA A 382 -10.94 17.70 24.99
CA ALA A 382 -9.55 18.14 25.10
C ALA A 382 -9.39 19.08 26.30
N LEU A 383 -10.43 19.88 26.58
CA LEU A 383 -10.47 20.84 27.69
C LEU A 383 -10.66 20.09 29.01
N GLU A 384 -11.50 19.03 29.01
CA GLU A 384 -11.78 18.20 30.18
C GLU A 384 -10.64 17.20 30.41
N LEU A 385 -9.40 17.71 30.56
CA LEU A 385 -8.17 16.95 30.79
C LEU A 385 -7.24 17.74 31.69
N SER A 386 -6.82 17.12 32.82
CA SER A 386 -5.93 17.70 33.85
C SER A 386 -4.46 17.57 33.44
N ARG A 387 -3.60 18.47 33.97
CA ARG A 387 -2.14 18.56 33.72
C ARG A 387 -1.43 17.18 33.74
N SER A 388 -1.90 16.26 34.62
CA SER A 388 -1.39 14.90 34.79
C SER A 388 -1.70 14.02 33.57
N ASP A 389 -2.96 14.10 33.05
CA ASP A 389 -3.43 13.33 31.88
C ASP A 389 -2.66 13.72 30.61
N LEU A 390 -2.41 15.04 30.43
CA LEU A 390 -1.74 15.62 29.27
C LEU A 390 -0.26 15.22 29.16
N SER A 391 0.48 15.18 30.29
CA SER A 391 1.92 14.84 30.32
C SER A 391 2.24 13.46 29.73
N LYS A 392 1.35 12.48 29.90
CA LYS A 392 1.54 11.13 29.34
C LYS A 392 1.20 11.15 27.84
N PHE A 393 0.19 11.95 27.45
CA PHE A 393 -0.26 12.13 26.07
C PHE A 393 0.85 12.77 25.20
N ARG A 394 1.60 13.73 25.78
CA ARG A 394 2.72 14.41 25.13
C ARG A 394 3.88 13.45 24.95
N GLU A 395 4.10 12.58 25.96
CA GLU A 395 5.14 11.55 26.00
C GLU A 395 4.91 10.55 24.87
N ASN A 396 3.66 10.07 24.72
CA ASN A 396 3.23 9.14 23.67
C ASN A 396 3.38 9.77 22.30
N CYS A 397 3.01 11.06 22.16
CA CYS A 397 3.12 11.84 20.92
C CYS A 397 4.58 11.94 20.49
N LYS A 398 5.50 12.18 21.46
CA LYS A 398 6.94 12.29 21.24
C LYS A 398 7.52 10.92 20.87
N LYS A 399 7.06 9.85 21.55
CA LYS A 399 7.49 8.48 21.32
C LYS A 399 7.03 7.97 19.95
N ARG A 400 5.84 8.41 19.47
CA ARG A 400 5.27 8.04 18.17
C ARG A 400 6.05 8.69 17.02
N ALA A 401 6.45 9.96 17.18
CA ALA A 401 7.21 10.69 16.16
C ALA A 401 8.63 10.16 16.10
N MET A 402 9.15 9.69 17.25
CA MET A 402 10.48 9.11 17.41
C MET A 402 10.61 7.81 16.62
N SER A 403 9.53 6.99 16.58
CA SER A 403 9.49 5.70 15.87
C SER A 403 9.48 5.88 14.33
N PHE A 404 9.05 7.04 13.84
CA PHE A 404 9.04 7.31 12.40
C PHE A 404 10.46 7.59 11.89
N SER A 405 11.29 8.31 12.67
CA SER A 405 12.68 8.63 12.32
C SER A 405 13.61 7.42 12.45
N LYS A 406 13.20 6.42 13.26
CA LYS A 406 13.92 5.17 13.52
C LYS A 406 14.13 4.37 12.22
N LEU A 407 13.15 4.43 11.29
CA LEU A 407 13.13 3.72 10.01
C LEU A 407 13.89 4.43 8.87
N LYS A 408 14.53 5.57 9.13
CA LYS A 408 15.26 6.33 8.11
C LYS A 408 16.47 5.58 7.47
N PRO A 409 17.36 4.85 8.20
CA PRO A 409 18.51 4.23 7.51
C PRO A 409 18.19 2.92 6.77
N GLN A 410 16.98 2.35 6.95
CA GLN A 410 16.52 1.09 6.34
C GLN A 410 16.59 1.12 4.81
N ASP A 411 16.86 -0.06 4.20
CA ASP A 411 16.95 -0.24 2.75
C ASP A 411 15.59 -0.74 2.21
N PHE A 412 14.74 0.22 1.79
CA PHE A 412 13.38 -0.01 1.29
C PHE A 412 13.35 -0.56 -0.16
N ARG A 413 14.53 -1.02 -0.68
CA ARG A 413 14.71 -1.56 -2.03
C ARG A 413 13.87 -2.82 -2.30
N ASN A 414 13.68 -3.69 -1.28
CA ASN A 414 12.89 -4.92 -1.40
C ASN A 414 11.42 -4.62 -1.74
N PHE A 415 10.86 -3.53 -1.18
CA PHE A 415 9.48 -3.08 -1.41
C PHE A 415 9.25 -2.69 -2.88
N VAL A 416 10.29 -2.13 -3.52
CA VAL A 416 10.28 -1.71 -4.93
C VAL A 416 10.23 -2.95 -5.83
N THR A 417 11.10 -3.97 -5.56
CA THR A 417 11.18 -5.23 -6.32
C THR A 417 9.82 -5.93 -6.34
N MET A 418 9.24 -6.22 -5.14
CA MET A 418 7.95 -6.87 -4.95
C MET A 418 6.80 -6.09 -5.60
N PHE A 419 6.92 -4.75 -5.67
CA PHE A 419 5.95 -3.88 -6.32
C PHE A 419 6.06 -4.02 -7.83
N VAL A 420 7.31 -4.15 -8.37
CA VAL A 420 7.60 -4.32 -9.81
C VAL A 420 7.10 -5.72 -10.24
N VAL A 421 7.23 -6.74 -9.35
CA VAL A 421 6.77 -8.12 -9.54
C VAL A 421 5.24 -8.08 -9.78
N PHE A 422 4.50 -7.36 -8.92
CA PHE A 422 3.05 -7.18 -9.01
C PHE A 422 2.68 -6.34 -10.25
N VAL A 423 3.35 -5.17 -10.45
CA VAL A 423 3.09 -4.25 -11.56
C VAL A 423 3.14 -5.02 -12.89
N LEU A 424 4.19 -5.83 -13.11
CA LEU A 424 4.36 -6.61 -14.34
C LEU A 424 3.29 -7.69 -14.48
N PHE A 425 2.90 -8.35 -13.37
CA PHE A 425 1.82 -9.35 -13.38
C PHE A 425 0.51 -8.71 -13.85
N ALA A 426 0.19 -7.52 -13.30
CA ALA A 426 -1.00 -6.75 -13.62
C ALA A 426 -1.05 -6.37 -15.09
N ILE A 427 0.11 -6.03 -15.73
CA ILE A 427 0.18 -5.67 -17.15
C ILE A 427 -0.11 -6.91 -18.04
N CYS A 428 0.46 -8.08 -17.68
CA CYS A 428 0.33 -9.35 -18.42
C CYS A 428 -1.10 -9.87 -18.44
N PHE A 429 -1.80 -9.81 -17.30
CA PHE A 429 -3.14 -10.36 -17.13
C PHE A 429 -4.28 -9.34 -17.29
N ALA A 430 -3.98 -8.03 -17.38
CA ALA A 430 -5.00 -6.99 -17.58
C ALA A 430 -5.78 -7.21 -18.89
N PRO A 431 -5.16 -7.53 -20.06
CA PRO A 431 -5.97 -7.72 -21.28
C PRO A 431 -6.84 -8.99 -21.24
N LEU A 432 -6.29 -10.10 -20.67
CA LEU A 432 -6.96 -11.40 -20.55
C LEU A 432 -8.23 -11.29 -19.71
N ASN A 433 -8.17 -10.58 -18.57
CA ASN A 433 -9.32 -10.39 -17.70
C ASN A 433 -10.31 -9.36 -18.29
N PHE A 434 -9.81 -8.42 -19.14
CA PHE A 434 -10.65 -7.43 -19.81
C PHE A 434 -11.45 -8.06 -20.94
N ILE A 435 -10.81 -8.95 -21.74
CA ILE A 435 -11.42 -9.71 -22.82
C ILE A 435 -12.48 -10.65 -22.22
N GLY A 436 -12.16 -11.24 -21.06
CA GLY A 436 -13.03 -12.13 -20.31
C GLY A 436 -14.35 -11.50 -19.89
N LEU A 437 -14.37 -10.16 -19.69
CA LEU A 437 -15.56 -9.38 -19.34
C LEU A 437 -16.38 -9.07 -20.59
N ALA A 438 -15.68 -8.74 -21.70
CA ALA A 438 -16.27 -8.43 -23.01
C ALA A 438 -16.98 -9.67 -23.56
N VAL A 439 -16.32 -10.85 -23.46
CA VAL A 439 -16.85 -12.16 -23.89
C VAL A 439 -18.06 -12.51 -23.00
N ALA A 440 -18.00 -12.15 -21.70
CA ALA A 440 -19.08 -12.42 -20.74
C ALA A 440 -20.38 -11.66 -21.05
N SER A 441 -20.31 -10.53 -21.80
CA SER A 441 -21.49 -9.73 -22.16
C SER A 441 -22.41 -10.53 -23.11
N ASP A 442 -21.88 -10.96 -24.27
CA ASP A 442 -22.60 -11.79 -25.24
C ASP A 442 -21.60 -12.77 -25.86
N PRO A 443 -21.49 -14.00 -25.29
CA PRO A 443 -20.50 -14.97 -25.80
C PRO A 443 -20.61 -15.28 -27.29
N ALA A 444 -21.84 -15.41 -27.83
CA ALA A 444 -22.09 -15.71 -29.23
C ALA A 444 -21.68 -14.55 -30.17
N SER A 445 -21.91 -13.30 -29.73
CA SER A 445 -21.64 -12.08 -30.50
C SER A 445 -20.19 -11.59 -30.39
N MET A 446 -19.53 -11.80 -29.24
CA MET A 446 -18.18 -11.30 -28.99
C MET A 446 -17.06 -12.24 -29.50
N VAL A 447 -17.38 -13.49 -29.89
CA VAL A 447 -16.37 -14.42 -30.44
C VAL A 447 -15.71 -13.81 -31.71
N PRO A 448 -16.46 -13.29 -32.74
CA PRO A 448 -15.78 -12.67 -33.89
C PRO A 448 -15.48 -11.17 -33.72
N ARG A 449 -16.23 -10.48 -32.81
CA ARG A 449 -16.11 -9.04 -32.54
C ARG A 449 -14.75 -8.65 -31.93
N ILE A 450 -14.11 -9.56 -31.21
CA ILE A 450 -12.79 -9.35 -30.60
C ILE A 450 -11.71 -9.73 -31.64
N PRO A 451 -10.73 -8.82 -31.92
CA PRO A 451 -9.68 -9.13 -32.91
C PRO A 451 -8.81 -10.32 -32.50
N GLU A 452 -8.38 -11.12 -33.50
CA GLU A 452 -7.57 -12.34 -33.27
C GLU A 452 -6.21 -12.03 -32.67
N TRP A 453 -5.55 -10.93 -33.10
CA TRP A 453 -4.25 -10.54 -32.57
C TRP A 453 -4.35 -10.19 -31.08
N LEU A 454 -5.42 -9.45 -30.70
CA LEU A 454 -5.71 -9.00 -29.35
C LEU A 454 -5.96 -10.18 -28.41
N PHE A 455 -6.63 -11.23 -28.92
CA PHE A 455 -6.95 -12.45 -28.19
C PHE A 455 -5.68 -13.29 -27.97
N VAL A 456 -4.82 -13.40 -29.01
CA VAL A 456 -3.58 -14.18 -28.97
C VAL A 456 -2.56 -13.47 -28.05
N ALA A 457 -2.37 -12.14 -28.22
CA ALA A 457 -1.45 -11.32 -27.41
C ALA A 457 -1.80 -11.37 -25.93
N SER A 458 -3.10 -11.22 -25.57
CA SER A 458 -3.60 -11.27 -24.19
C SER A 458 -3.24 -12.58 -23.49
N TYR A 459 -3.32 -13.70 -24.24
CA TYR A 459 -3.02 -15.04 -23.72
C TYR A 459 -1.53 -15.28 -23.57
N TYR A 460 -0.73 -14.95 -24.61
CA TYR A 460 0.72 -15.19 -24.61
C TYR A 460 1.49 -14.22 -23.70
N MET A 461 0.90 -13.05 -23.35
CA MET A 461 1.48 -12.12 -22.37
C MET A 461 1.47 -12.79 -21.02
N ALA A 462 0.29 -13.33 -20.64
CA ALA A 462 0.03 -14.07 -19.41
C ALA A 462 0.92 -15.32 -19.32
N TYR A 463 1.30 -15.90 -20.48
CA TYR A 463 2.17 -17.07 -20.54
C TYR A 463 3.61 -16.65 -20.24
N PHE A 464 4.08 -15.54 -20.86
CA PHE A 464 5.43 -14.99 -20.70
C PHE A 464 5.70 -14.53 -19.26
N ASN A 465 4.66 -14.14 -18.53
CA ASN A 465 4.73 -13.68 -17.13
C ASN A 465 5.42 -14.73 -16.23
N SER A 466 5.17 -16.03 -16.51
CA SER A 466 5.68 -17.18 -15.76
C SER A 466 7.22 -17.24 -15.67
N CYS A 467 7.95 -16.60 -16.62
CA CYS A 467 9.42 -16.57 -16.62
C CYS A 467 9.96 -15.19 -16.18
N LEU A 468 9.08 -14.17 -16.06
CA LEU A 468 9.46 -12.79 -15.75
C LEU A 468 10.02 -12.59 -14.33
N ASN A 469 9.33 -13.11 -13.28
CA ASN A 469 9.71 -12.93 -11.86
C ASN A 469 11.22 -13.18 -11.56
N PRO A 470 11.90 -14.28 -12.00
CA PRO A 470 13.33 -14.43 -11.69
C PRO A 470 14.22 -13.38 -12.38
N ILE A 471 13.85 -12.89 -13.58
CA ILE A 471 14.58 -11.86 -14.33
C ILE A 471 14.54 -10.55 -13.52
N ILE A 472 13.36 -10.21 -12.93
CA ILE A 472 13.10 -9.02 -12.10
C ILE A 472 13.95 -9.09 -10.81
N TYR A 473 13.96 -10.25 -10.11
CA TYR A 473 14.72 -10.48 -8.87
C TYR A 473 16.22 -10.17 -9.02
N GLY A 474 16.79 -10.58 -10.15
CA GLY A 474 18.20 -10.36 -10.43
C GLY A 474 18.56 -8.94 -10.78
N LEU A 475 17.70 -8.27 -11.56
CA LEU A 475 17.96 -6.90 -12.01
C LEU A 475 17.68 -5.82 -10.95
N LEU A 476 16.94 -6.15 -9.86
CA LEU A 476 16.63 -5.14 -8.84
C LEU A 476 17.16 -5.48 -7.45
N ASP A 477 17.03 -6.75 -6.99
CA ASP A 477 17.48 -7.14 -5.65
C ASP A 477 18.95 -7.57 -5.70
N GLN A 478 19.82 -6.80 -5.04
CA GLN A 478 21.27 -6.99 -4.96
C GLN A 478 21.66 -8.36 -4.39
N ASN A 479 20.92 -8.87 -3.37
CA ASN A 479 21.17 -10.17 -2.74
C ASN A 479 20.87 -11.32 -3.70
N PHE A 480 19.83 -11.19 -4.54
CA PHE A 480 19.47 -12.21 -5.52
C PHE A 480 20.52 -12.28 -6.62
N ARG A 481 21.00 -11.11 -7.12
CA ARG A 481 22.03 -11.01 -8.16
C ARG A 481 23.36 -11.64 -7.70
N LYS A 482 23.68 -11.48 -6.40
CA LYS A 482 24.90 -12.03 -5.79
C LYS A 482 24.84 -13.56 -5.74
N GLU A 483 23.69 -14.12 -5.29
CA GLU A 483 23.49 -15.56 -5.17
C GLU A 483 23.31 -16.25 -6.52
N TYR A 484 22.88 -15.52 -7.56
CA TYR A 484 22.74 -16.07 -8.91
C TYR A 484 24.13 -16.45 -9.45
N ARG A 485 25.11 -15.52 -9.33
CA ARG A 485 26.50 -15.69 -9.73
C ARG A 485 27.20 -16.72 -8.85
N ARG A 486 26.84 -16.76 -7.55
CA ARG A 486 27.38 -17.67 -6.54
C ARG A 486 27.11 -19.14 -6.89
N ILE A 487 25.85 -19.47 -7.26
CA ILE A 487 25.43 -20.83 -7.63
C ILE A 487 26.00 -21.19 -9.02
N ILE A 488 25.96 -20.24 -9.99
CA ILE A 488 26.44 -20.43 -11.36
C ILE A 488 27.94 -20.81 -11.39
N VAL A 489 28.78 -20.07 -10.63
CA VAL A 489 30.23 -20.30 -10.55
C VAL A 489 30.58 -21.58 -9.80
N SER A 490 29.80 -21.94 -8.75
CA SER A 490 30.04 -23.15 -7.94
C SER A 490 29.81 -24.45 -8.73
N LEU A 491 28.91 -24.43 -9.73
CA LEU A 491 28.62 -25.62 -10.56
C LEU A 491 29.48 -25.64 -11.82
N CYS A 492 29.96 -24.46 -12.27
CA CYS A 492 30.82 -24.33 -13.45
C CYS A 492 32.27 -24.72 -13.11
N THR A 493 32.82 -24.16 -12.01
CA THR A 493 34.20 -24.42 -11.56
C THR A 493 34.27 -25.73 -10.77
N ALA A 494 35.36 -26.49 -10.95
CA ALA A 494 35.58 -27.78 -10.28
C ALA A 494 36.64 -27.68 -9.17
N ARG A 495 36.73 -28.74 -8.33
CA ARG A 495 37.69 -28.85 -7.22
C ARG A 495 38.88 -29.72 -7.64
N VAL A 496 40.11 -29.23 -7.43
CA VAL A 496 41.34 -29.95 -7.79
C VAL A 496 42.48 -29.64 -6.81
N PHE A 497 43.37 -30.62 -6.57
CA PHE A 497 44.54 -30.49 -5.69
C PHE A 497 45.84 -30.38 -6.50
N PHE A 498 46.76 -29.48 -6.08
CA PHE A 498 48.04 -29.21 -6.75
C PHE A 498 49.01 -30.39 -6.66
#